data_1QGL
#
_entry.id   1QGL
#
_cell.length_a   99.100
_cell.length_b   127.400
_cell.length_c   118.900
_cell.angle_alpha   90.00
_cell.angle_beta   90.00
_cell.angle_gamma   90.00
#
_symmetry.space_group_name_H-M   'C 2 2 21'
#
loop_
_entity.id
_entity.type
_entity.pdbx_description
1 polymer 'PROTEIN (SUCCINYLATED CONCANAVALIN A )'
2 non-polymer 'MANGANESE (II) ION'
3 non-polymer 'CALCIUM ION'
4 non-polymer '1,3-DI(N-PROPYLOXY-A-MANNOPYRANOSYL)-CARBOMYL 5-METHYAZIDO-BENZENE'
5 non-polymer 'SUCCINIC ACID'
6 water water
#
_entity_poly.entity_id   1
_entity_poly.type   'polypeptide(L)'
_entity_poly.pdbx_seq_one_letter_code
;ADTIVAVELDTYPNTDIGDPSYPHIGIDIKSVRSKKTAKWNMQNGKVGTAHIIYNSVDKRLSAVVSYPNADSATVSYDVD
LDNVLPEWVRVGLSASTGLYKETNTILSWSFTSKLKSNSTHETNALHFMFNQFSKDQKDLILQGDATTGTDGNLELTRVS
SNGSPQGSSVGRALFYAPVHIWESSAVVASFEATFTFLIKSPDSHPADGIAFFISNIDSSIPSGSTGRLLGLFPDAN
;
_entity_poly.pdbx_strand_id   A,B
#
# COMPACT_ATOMS: atom_id res chain seq x y z
N ALA A 1 -14.64 -18.15 -2.58
CA ALA A 1 -15.67 -17.22 -2.01
C ALA A 1 -16.08 -17.63 -0.59
N ASP A 2 -15.62 -16.86 0.40
CA ASP A 2 -15.98 -17.13 1.77
C ASP A 2 -17.43 -16.72 1.99
N THR A 3 -18.04 -17.20 3.06
CA THR A 3 -19.40 -16.79 3.39
C THR A 3 -19.14 -15.85 4.55
N ILE A 4 -19.74 -14.66 4.51
CA ILE A 4 -19.53 -13.69 5.56
C ILE A 4 -20.81 -13.09 6.10
N VAL A 5 -20.91 -13.05 7.43
CA VAL A 5 -22.03 -12.43 8.10
C VAL A 5 -21.28 -11.46 8.99
N ALA A 6 -21.68 -10.19 8.98
CA ALA A 6 -20.97 -9.22 9.79
C ALA A 6 -21.77 -8.02 10.25
N VAL A 7 -21.28 -7.43 11.33
CA VAL A 7 -21.86 -6.22 11.87
C VAL A 7 -20.73 -5.24 11.65
N GLU A 8 -20.98 -4.21 10.85
CA GLU A 8 -19.95 -3.21 10.57
C GLU A 8 -20.16 -1.87 11.26
N LEU A 9 -19.06 -1.34 11.80
CA LEU A 9 -19.01 0.00 12.40
C LEU A 9 -18.32 0.76 11.26
N ASP A 10 -19.12 1.31 10.36
CA ASP A 10 -18.60 2.01 9.17
C ASP A 10 -18.41 3.52 9.38
N THR A 11 -17.17 3.96 9.44
CA THR A 11 -16.89 5.36 9.68
C THR A 11 -16.84 6.29 8.49
N TYR A 12 -16.74 5.74 7.28
CA TYR A 12 -16.66 6.56 6.08
C TYR A 12 -17.73 6.21 5.05
N PRO A 13 -18.60 7.17 4.74
CA PRO A 13 -19.69 6.97 3.78
C PRO A 13 -19.23 6.78 2.34
N ASN A 14 -19.40 5.57 1.81
CA ASN A 14 -19.06 5.32 0.44
C ASN A 14 -20.42 5.27 -0.26
N THR A 15 -20.92 6.43 -0.64
CA THR A 15 -22.24 6.52 -1.26
C THR A 15 -22.40 5.82 -2.59
N ASP A 16 -21.32 5.67 -3.35
CA ASP A 16 -21.47 5.00 -4.62
C ASP A 16 -21.75 3.52 -4.53
N ILE A 17 -21.56 2.93 -3.35
CA ILE A 17 -21.85 1.51 -3.18
C ILE A 17 -22.94 1.24 -2.16
N GLY A 18 -23.80 2.23 -1.91
CA GLY A 18 -24.89 2.00 -0.98
C GLY A 18 -24.85 2.60 0.41
N ASP A 19 -23.70 3.03 0.90
CA ASP A 19 -23.65 3.62 2.22
C ASP A 19 -24.56 4.83 2.38
N PRO A 20 -25.13 5.00 3.58
CA PRO A 20 -25.99 6.17 3.86
C PRO A 20 -24.94 7.28 3.83
N SER A 21 -25.32 8.54 3.77
CA SER A 21 -24.28 9.57 3.71
C SER A 21 -23.76 10.03 5.07
N TYR A 22 -23.46 9.09 5.96
CA TYR A 22 -22.94 9.41 7.28
C TYR A 22 -22.46 8.15 7.99
N PRO A 23 -21.66 8.30 9.07
CA PRO A 23 -21.18 7.11 9.79
C PRO A 23 -22.39 6.26 10.17
N HIS A 24 -22.23 4.95 10.13
CA HIS A 24 -23.34 4.06 10.44
C HIS A 24 -22.86 2.68 10.85
N ILE A 25 -23.77 1.95 11.51
CA ILE A 25 -23.49 0.58 11.91
C ILE A 25 -24.46 -0.18 11.01
N GLY A 26 -24.03 -1.33 10.51
CA GLY A 26 -24.90 -2.09 9.64
C GLY A 26 -24.72 -3.59 9.74
N ILE A 27 -25.69 -4.32 9.23
CA ILE A 27 -25.63 -5.76 9.24
C ILE A 27 -25.40 -6.24 7.84
N ASP A 28 -24.26 -6.89 7.62
CA ASP A 28 -23.94 -7.39 6.29
C ASP A 28 -24.08 -8.89 6.16
N ILE A 29 -24.92 -9.33 5.23
CA ILE A 29 -25.11 -10.74 4.96
C ILE A 29 -24.54 -10.99 3.56
N LYS A 30 -23.36 -11.58 3.49
CA LYS A 30 -22.70 -11.90 2.22
C LYS A 30 -22.43 -10.72 1.28
N SER A 31 -22.65 -9.50 1.76
CA SER A 31 -22.42 -8.33 0.92
C SER A 31 -22.04 -7.10 1.72
N VAL A 32 -21.21 -6.24 1.13
CA VAL A 32 -20.79 -5.01 1.80
C VAL A 32 -21.98 -4.04 1.85
N ARG A 33 -23.01 -4.33 1.06
CA ARG A 33 -24.20 -3.48 1.04
C ARG A 33 -25.13 -3.94 2.15
N SER A 34 -24.97 -3.33 3.33
CA SER A 34 -25.78 -3.67 4.49
C SER A 34 -27.27 -3.88 4.22
N LYS A 35 -27.80 -4.97 4.76
CA LYS A 35 -29.23 -5.28 4.62
C LYS A 35 -30.01 -4.28 5.43
N LYS A 36 -29.36 -3.73 6.46
CA LYS A 36 -29.99 -2.78 7.35
C LYS A 36 -28.88 -1.93 7.96
N THR A 37 -29.15 -0.64 8.18
CA THR A 37 -28.16 0.25 8.78
C THR A 37 -28.86 1.20 9.73
N ALA A 38 -28.08 1.86 10.57
CA ALA A 38 -28.60 2.83 11.52
C ALA A 38 -27.54 3.94 11.66
N LYS A 39 -27.98 5.17 11.86
CA LYS A 39 -27.06 6.29 11.99
C LYS A 39 -26.22 6.11 13.26
N TRP A 40 -24.93 6.44 13.17
CA TRP A 40 -24.04 6.28 14.30
C TRP A 40 -23.17 7.50 14.52
N ASN A 41 -23.31 8.13 15.68
CA ASN A 41 -22.52 9.31 15.98
C ASN A 41 -21.18 8.85 16.50
N MET A 42 -20.28 8.51 15.58
CA MET A 42 -18.96 8.06 15.95
C MET A 42 -18.24 9.21 16.64
N GLN A 43 -17.66 8.94 17.81
CA GLN A 43 -16.94 9.97 18.54
C GLN A 43 -15.43 9.76 18.46
N ASN A 44 -14.78 10.59 17.65
CA ASN A 44 -13.35 10.50 17.44
C ASN A 44 -12.51 10.60 18.73
N GLY A 45 -11.69 9.57 18.99
CA GLY A 45 -10.84 9.59 20.15
C GLY A 45 -11.38 8.93 21.42
N LYS A 46 -12.65 8.56 21.41
CA LYS A 46 -13.25 7.93 22.59
C LYS A 46 -13.40 6.40 22.49
N VAL A 47 -13.34 5.75 23.65
CA VAL A 47 -13.49 4.31 23.73
C VAL A 47 -14.97 3.95 23.65
N GLY A 48 -15.31 3.07 22.70
CA GLY A 48 -16.71 2.67 22.55
C GLY A 48 -16.90 1.19 22.83
N THR A 49 -18.16 0.76 22.90
CA THR A 49 -18.46 -0.62 23.17
C THR A 49 -19.50 -1.15 22.21
N ALA A 50 -19.31 -2.37 21.74
CA ALA A 50 -20.26 -2.99 20.82
C ALA A 50 -20.74 -4.32 21.38
N HIS A 51 -22.05 -4.55 21.25
CA HIS A 51 -22.66 -5.78 21.71
C HIS A 51 -23.41 -6.40 20.54
N ILE A 52 -23.13 -7.65 20.24
CA ILE A 52 -23.82 -8.32 19.15
C ILE A 52 -24.51 -9.52 19.79
N ILE A 53 -25.79 -9.68 19.53
CA ILE A 53 -26.51 -10.82 20.06
C ILE A 53 -27.34 -11.52 19.00
N TYR A 54 -27.59 -12.80 19.23
CA TYR A 54 -28.37 -13.63 18.33
C TYR A 54 -28.83 -14.92 19.02
N ASN A 55 -30.03 -15.38 18.72
CA ASN A 55 -30.48 -16.66 19.26
C ASN A 55 -31.36 -17.28 18.17
N SER A 56 -31.37 -18.60 18.11
CA SER A 56 -32.11 -19.29 17.07
C SER A 56 -33.60 -19.29 17.25
N VAL A 57 -34.10 -18.90 18.43
CA VAL A 57 -35.55 -18.88 18.62
C VAL A 57 -36.15 -17.66 17.91
N ASP A 58 -35.54 -16.49 18.09
CA ASP A 58 -36.01 -15.27 17.44
C ASP A 58 -35.45 -15.11 16.02
N LYS A 59 -34.29 -15.69 15.75
CA LYS A 59 -33.64 -15.57 14.43
C LYS A 59 -33.50 -14.09 14.12
N ARG A 60 -33.03 -13.36 15.12
CA ARG A 60 -32.85 -11.92 15.04
C ARG A 60 -31.39 -11.59 15.36
N LEU A 61 -30.69 -10.92 14.46
CA LEU A 61 -29.30 -10.52 14.73
C LEU A 61 -29.33 -9.03 15.11
N SER A 62 -28.89 -8.72 16.32
CA SER A 62 -28.92 -7.35 16.78
C SER A 62 -27.57 -6.85 17.25
N ALA A 63 -27.33 -5.56 17.09
CA ALA A 63 -26.09 -4.96 17.54
C ALA A 63 -26.37 -3.63 18.20
N VAL A 64 -25.60 -3.32 19.25
CA VAL A 64 -25.74 -2.06 19.96
C VAL A 64 -24.33 -1.51 20.08
N VAL A 65 -24.17 -0.23 19.82
CA VAL A 65 -22.86 0.40 19.91
C VAL A 65 -23.04 1.66 20.75
N SER A 66 -22.23 1.83 21.78
CA SER A 66 -22.39 3.02 22.60
C SER A 66 -21.10 3.56 23.14
N TYR A 67 -21.18 4.79 23.64
CA TYR A 67 -20.06 5.50 24.24
C TYR A 67 -20.60 5.96 25.59
N PRO A 68 -19.72 6.15 26.59
CA PRO A 68 -20.21 6.58 27.90
C PRO A 68 -20.96 7.91 27.82
N ASN A 69 -22.02 8.02 28.62
CA ASN A 69 -22.79 9.26 28.67
C ASN A 69 -23.27 9.71 27.30
N ALA A 70 -23.55 8.77 26.41
CA ALA A 70 -24.03 9.16 25.09
C ALA A 70 -25.12 8.20 24.67
N ASP A 71 -25.88 8.57 23.64
CA ASP A 71 -26.93 7.68 23.18
C ASP A 71 -26.24 6.55 22.44
N SER A 72 -26.96 5.45 22.25
CA SER A 72 -26.39 4.30 21.57
C SER A 72 -27.08 4.12 20.23
N ALA A 73 -26.44 3.38 19.33
CA ALA A 73 -26.98 3.11 18.02
C ALA A 73 -27.36 1.64 17.98
N THR A 74 -28.54 1.34 17.47
CA THR A 74 -29.02 -0.03 17.40
C THR A 74 -29.41 -0.40 15.99
N VAL A 75 -29.19 -1.66 15.64
CA VAL A 75 -29.56 -2.14 14.33
C VAL A 75 -29.90 -3.60 14.58
N SER A 76 -30.98 -4.06 13.97
CA SER A 76 -31.42 -5.43 14.17
C SER A 76 -31.95 -5.98 12.85
N TYR A 77 -31.78 -7.27 12.58
CA TYR A 77 -32.24 -7.83 11.31
C TYR A 77 -32.67 -9.28 11.45
N ASP A 78 -33.77 -9.64 10.79
CA ASP A 78 -34.25 -11.02 10.83
C ASP A 78 -33.53 -11.91 9.85
N VAL A 79 -32.82 -12.90 10.37
CA VAL A 79 -32.10 -13.79 9.50
C VAL A 79 -31.90 -15.14 10.18
N ASP A 80 -32.06 -16.20 9.41
CA ASP A 80 -31.87 -17.53 9.95
C ASP A 80 -30.46 -17.92 9.50
N LEU A 81 -29.50 -17.82 10.42
CA LEU A 81 -28.12 -18.14 10.07
C LEU A 81 -27.87 -19.57 9.60
N ASP A 82 -28.87 -20.44 9.78
CA ASP A 82 -28.77 -21.84 9.33
C ASP A 82 -28.72 -21.88 7.81
N ASN A 83 -29.50 -21.00 7.17
CA ASN A 83 -29.54 -20.95 5.72
C ASN A 83 -28.40 -20.14 5.13
N VAL A 84 -27.56 -19.56 5.97
CA VAL A 84 -26.47 -18.74 5.46
C VAL A 84 -25.08 -19.25 5.73
N LEU A 85 -24.81 -19.63 6.97
CA LEU A 85 -23.49 -20.07 7.35
C LEU A 85 -23.32 -21.55 7.48
N PRO A 86 -22.10 -22.04 7.27
CA PRO A 86 -21.90 -23.48 7.42
C PRO A 86 -22.04 -23.77 8.92
N GLU A 87 -22.16 -25.05 9.28
CA GLU A 87 -22.33 -25.43 10.67
C GLU A 87 -21.15 -24.99 11.54
N TRP A 88 -19.93 -25.08 11.00
CA TRP A 88 -18.73 -24.67 11.73
C TRP A 88 -18.17 -23.42 11.08
N VAL A 89 -17.66 -22.51 11.91
CA VAL A 89 -17.13 -21.24 11.44
C VAL A 89 -16.01 -20.75 12.35
N ARG A 90 -15.47 -19.59 11.99
CA ARG A 90 -14.49 -18.91 12.83
C ARG A 90 -15.07 -17.51 13.01
N VAL A 91 -14.79 -16.89 14.14
CA VAL A 91 -15.32 -15.57 14.40
C VAL A 91 -14.14 -14.64 14.55
N GLY A 92 -14.32 -13.38 14.20
CA GLY A 92 -13.21 -12.47 14.31
C GLY A 92 -13.59 -11.01 14.22
N LEU A 93 -12.54 -10.20 14.16
CA LEU A 93 -12.65 -8.75 14.05
C LEU A 93 -11.84 -8.34 12.83
N SER A 94 -12.35 -7.37 12.10
CA SER A 94 -11.69 -6.88 10.90
C SER A 94 -11.76 -5.36 10.86
N ALA A 95 -10.82 -4.74 10.15
CA ALA A 95 -10.79 -3.27 10.02
C ALA A 95 -9.92 -2.92 8.84
N SER A 96 -10.06 -1.70 8.35
CA SER A 96 -9.23 -1.27 7.23
C SER A 96 -9.18 0.24 7.12
N THR A 97 -8.32 0.70 6.23
CA THR A 97 -8.18 2.12 5.92
C THR A 97 -7.96 2.17 4.41
N GLY A 98 -8.17 3.34 3.81
CA GLY A 98 -7.99 3.50 2.38
C GLY A 98 -7.19 4.76 2.17
N LEU A 99 -7.78 5.74 1.48
CA LEU A 99 -7.10 7.01 1.27
C LEU A 99 -7.12 7.72 2.63
N TYR A 100 -8.24 7.58 3.33
CA TYR A 100 -8.37 8.18 4.65
C TYR A 100 -8.08 7.12 5.72
N LYS A 101 -7.70 7.56 6.92
CA LYS A 101 -7.36 6.62 7.97
C LYS A 101 -7.77 6.92 9.39
N GLU A 102 -7.63 5.90 10.23
CA GLU A 102 -7.98 5.97 11.63
C GLU A 102 -7.26 4.80 12.28
N THR A 103 -7.06 4.87 13.59
CA THR A 103 -6.47 3.75 14.30
C THR A 103 -7.69 2.86 14.54
N ASN A 104 -7.51 1.54 14.49
CA ASN A 104 -8.62 0.63 14.77
C ASN A 104 -8.18 -0.25 15.94
N THR A 105 -8.24 0.33 17.12
CA THR A 105 -7.79 -0.33 18.31
C THR A 105 -8.84 -1.13 19.09
N ILE A 106 -8.51 -2.38 19.39
CA ILE A 106 -9.38 -3.24 20.14
C ILE A 106 -8.79 -3.35 21.55
N LEU A 107 -9.56 -2.95 22.56
CA LEU A 107 -9.07 -3.01 23.93
C LEU A 107 -9.48 -4.29 24.61
N SER A 108 -10.58 -4.88 24.18
CA SER A 108 -11.05 -6.12 24.78
C SER A 108 -12.03 -6.82 23.83
N TRP A 109 -12.22 -8.11 24.03
CA TRP A 109 -13.11 -8.88 23.19
C TRP A 109 -13.56 -10.15 23.90
N SER A 110 -14.85 -10.38 23.90
CA SER A 110 -15.37 -11.59 24.51
C SER A 110 -16.46 -12.17 23.62
N PHE A 111 -16.60 -13.49 23.68
CA PHE A 111 -17.56 -14.19 22.84
C PHE A 111 -18.12 -15.38 23.59
N THR A 112 -19.40 -15.64 23.41
CA THR A 112 -20.03 -16.79 24.03
C THR A 112 -20.94 -17.42 23.02
N SER A 113 -20.91 -18.74 22.97
CA SER A 113 -21.73 -19.45 22.02
C SER A 113 -22.29 -20.69 22.70
N LYS A 114 -23.59 -20.93 22.51
CA LYS A 114 -24.21 -22.11 23.11
C LYS A 114 -25.13 -22.90 22.20
N LEU A 115 -25.07 -24.21 22.35
CA LEU A 115 -25.92 -25.12 21.61
C LEU A 115 -26.61 -26.02 22.63
N LYS A 116 -27.92 -25.90 22.74
CA LYS A 116 -28.70 -26.74 23.66
C LYS A 116 -29.48 -27.69 22.77
N SER A 117 -29.34 -28.99 23.00
CA SER A 117 -30.02 -30.00 22.18
C SER A 117 -31.25 -30.67 22.81
N ASN A 118 -31.83 -31.62 22.08
CA ASN A 118 -33.01 -32.33 22.56
C ASN A 118 -32.65 -33.39 23.62
N SER A 119 -31.86 -32.99 24.61
CA SER A 119 -31.44 -33.90 25.68
C SER A 119 -31.46 -33.23 27.06
N THR A 120 -31.47 -34.06 28.11
CA THR A 120 -31.50 -33.55 29.48
C THR A 120 -30.19 -32.84 29.83
N HIS A 121 -30.28 -31.54 30.02
CA HIS A 121 -29.14 -30.69 30.37
C HIS A 121 -27.90 -31.00 29.52
N GLU A 122 -28.08 -31.16 28.22
CA GLU A 122 -26.91 -31.41 27.37
C GLU A 122 -26.59 -30.20 26.50
N THR A 123 -25.88 -29.26 27.11
CA THR A 123 -25.49 -28.02 26.47
C THR A 123 -24.01 -27.98 26.12
N ASN A 124 -23.71 -27.53 24.91
CA ASN A 124 -22.33 -27.38 24.46
C ASN A 124 -22.07 -25.88 24.48
N ALA A 125 -20.91 -25.47 24.96
CA ALA A 125 -20.63 -24.05 25.02
C ALA A 125 -19.16 -23.68 24.85
N LEU A 126 -18.93 -22.50 24.28
CA LEU A 126 -17.58 -21.96 24.10
C LEU A 126 -17.60 -20.52 24.58
N HIS A 127 -16.60 -20.15 25.37
CA HIS A 127 -16.54 -18.80 25.88
C HIS A 127 -15.11 -18.33 26.00
N PHE A 128 -14.78 -17.19 25.41
CA PHE A 128 -13.44 -16.64 25.61
C PHE A 128 -13.58 -15.15 25.90
N MET A 129 -12.64 -14.62 26.68
CA MET A 129 -12.66 -13.22 27.05
C MET A 129 -11.23 -12.70 27.07
N PHE A 130 -10.97 -11.65 26.31
CA PHE A 130 -9.64 -11.05 26.28
C PHE A 130 -9.77 -9.65 26.81
N ASN A 131 -9.07 -9.33 27.89
CA ASN A 131 -9.09 -7.97 28.40
C ASN A 131 -7.72 -7.38 28.23
N GLN A 132 -6.77 -8.24 27.89
CA GLN A 132 -5.39 -7.86 27.65
C GLN A 132 -4.84 -8.77 26.57
N PHE A 133 -4.26 -8.20 25.53
CA PHE A 133 -3.67 -8.97 24.45
C PHE A 133 -2.17 -9.00 24.70
N SER A 134 -1.50 -10.07 24.33
CA SER A 134 -0.07 -10.13 24.55
C SER A 134 0.72 -10.21 23.26
N LYS A 135 2.02 -9.92 23.36
CA LYS A 135 2.90 -9.93 22.18
C LYS A 135 2.73 -11.20 21.36
N ASP A 136 2.61 -12.33 22.03
CA ASP A 136 2.44 -13.58 21.31
C ASP A 136 1.11 -14.19 21.76
N GLN A 137 0.04 -13.79 21.09
CA GLN A 137 -1.30 -14.26 21.40
C GLN A 137 -1.53 -15.48 20.53
N LYS A 138 -1.12 -16.65 21.02
CA LYS A 138 -1.23 -17.89 20.26
C LYS A 138 -2.63 -18.45 19.97
N ASP A 139 -3.66 -17.94 20.64
CA ASP A 139 -5.02 -18.42 20.39
C ASP A 139 -5.78 -17.49 19.44
N LEU A 140 -5.03 -16.68 18.71
CA LEU A 140 -5.57 -15.75 17.71
C LEU A 140 -4.83 -15.92 16.40
N ILE A 141 -5.56 -15.92 15.29
CA ILE A 141 -4.95 -16.01 13.98
C ILE A 141 -4.91 -14.57 13.47
N LEU A 142 -3.73 -13.98 13.39
CA LEU A 142 -3.62 -12.62 12.91
C LEU A 142 -3.41 -12.64 11.39
N GLN A 143 -4.17 -11.82 10.68
CA GLN A 143 -4.06 -11.75 9.23
C GLN A 143 -3.85 -10.29 8.85
N GLY A 144 -3.18 -10.07 7.71
CA GLY A 144 -2.94 -8.71 7.24
C GLY A 144 -2.01 -7.94 8.16
N ASP A 145 -2.33 -6.67 8.41
CA ASP A 145 -1.49 -5.83 9.24
C ASP A 145 -1.76 -5.90 10.73
N ALA A 146 -2.66 -6.78 11.17
CA ALA A 146 -3.00 -6.87 12.59
C ALA A 146 -1.82 -7.27 13.50
N THR A 147 -1.73 -6.63 14.65
CA THR A 147 -0.67 -6.93 15.60
C THR A 147 -1.19 -6.73 17.03
N THR A 148 -0.52 -7.37 17.99
CA THR A 148 -0.89 -7.26 19.39
C THR A 148 0.34 -6.87 20.18
N GLY A 149 0.16 -6.68 21.49
CA GLY A 149 1.26 -6.31 22.37
C GLY A 149 1.45 -4.82 22.63
N THR A 150 1.12 -3.98 21.64
CA THR A 150 1.27 -2.54 21.79
C THR A 150 0.33 -1.99 22.88
N ASP A 151 0.85 -1.89 24.10
CA ASP A 151 0.06 -1.39 25.22
C ASP A 151 -0.99 -2.40 25.66
N GLY A 152 -0.83 -3.65 25.23
CA GLY A 152 -1.78 -4.70 25.57
C GLY A 152 -3.03 -4.67 24.71
N ASN A 153 -3.00 -3.86 23.65
CA ASN A 153 -4.15 -3.75 22.76
C ASN A 153 -3.93 -4.54 21.48
N LEU A 154 -5.00 -4.68 20.71
CA LEU A 154 -4.96 -5.35 19.43
C LEU A 154 -5.11 -4.24 18.40
N GLU A 155 -4.11 -4.06 17.55
CA GLU A 155 -4.17 -3.03 16.50
C GLU A 155 -4.52 -3.74 15.21
N LEU A 156 -5.75 -3.58 14.77
CA LEU A 156 -6.16 -4.24 13.55
C LEU A 156 -5.50 -3.71 12.28
N THR A 157 -5.12 -2.43 12.29
CA THR A 157 -4.47 -1.84 11.13
C THR A 157 -3.18 -1.12 11.51
N ARG A 158 -2.34 -0.87 10.52
CA ARG A 158 -1.04 -0.24 10.70
C ARG A 158 -1.01 1.12 11.39
N VAL A 159 -0.15 1.23 12.38
CA VAL A 159 0.04 2.48 13.10
C VAL A 159 1.55 2.71 13.15
N SER A 160 1.98 3.95 12.97
CA SER A 160 3.41 4.24 13.00
C SER A 160 3.89 4.40 14.43
N SER A 161 5.20 4.35 14.60
CA SER A 161 5.84 4.49 15.91
C SER A 161 5.23 5.66 16.72
N ASN A 162 5.02 6.80 16.09
CA ASN A 162 4.46 7.96 16.78
C ASN A 162 2.95 7.88 16.98
N GLY A 163 2.38 6.69 16.79
CA GLY A 163 0.95 6.50 16.99
C GLY A 163 -0.02 7.00 15.92
N SER A 164 0.47 7.43 14.76
CA SER A 164 -0.43 7.91 13.73
C SER A 164 -0.81 6.78 12.76
N PRO A 165 -2.11 6.69 12.40
CA PRO A 165 -2.67 5.70 11.49
C PRO A 165 -2.16 5.81 10.07
N GLN A 166 -2.26 4.72 9.31
CA GLN A 166 -1.79 4.71 7.94
C GLN A 166 -2.85 4.21 6.98
N GLY A 167 -2.77 4.66 5.73
CA GLY A 167 -3.76 4.28 4.75
C GLY A 167 -3.49 2.95 4.07
N SER A 168 -4.48 2.47 3.32
CA SER A 168 -4.38 1.22 2.60
C SER A 168 -3.87 0.11 3.50
N SER A 169 -4.47 0.00 4.67
CA SER A 169 -4.09 -1.04 5.62
C SER A 169 -5.32 -1.91 5.84
N VAL A 170 -5.09 -3.20 6.06
CA VAL A 170 -6.19 -4.12 6.32
C VAL A 170 -5.66 -5.21 7.24
N GLY A 171 -6.46 -5.54 8.26
CA GLY A 171 -6.03 -6.56 9.20
C GLY A 171 -7.20 -7.23 9.88
N ARG A 172 -7.00 -8.49 10.27
CA ARG A 172 -8.03 -9.25 10.93
C ARG A 172 -7.46 -10.10 12.05
N ALA A 173 -8.33 -10.47 12.98
CA ALA A 173 -7.92 -11.32 14.09
C ALA A 173 -9.06 -12.32 14.27
N LEU A 174 -8.78 -13.62 14.09
CA LEU A 174 -9.80 -14.64 14.28
C LEU A 174 -9.43 -15.53 15.45
N PHE A 175 -10.42 -15.97 16.22
CA PHE A 175 -10.15 -16.84 17.34
C PHE A 175 -9.65 -18.15 16.73
N TYR A 176 -8.64 -18.74 17.36
CA TYR A 176 -8.03 -19.95 16.83
C TYR A 176 -8.93 -21.17 16.60
N ALA A 177 -9.84 -21.43 17.52
CA ALA A 177 -10.71 -22.59 17.41
C ALA A 177 -12.00 -22.40 16.61
N PRO A 178 -12.39 -23.41 15.82
CA PRO A 178 -13.62 -23.30 15.04
C PRO A 178 -14.76 -23.29 16.05
N VAL A 179 -15.86 -22.65 15.67
CA VAL A 179 -17.02 -22.54 16.54
C VAL A 179 -18.19 -23.28 15.90
N HIS A 180 -18.90 -24.08 16.70
CA HIS A 180 -20.06 -24.80 16.20
C HIS A 180 -21.23 -23.86 16.43
N ILE A 181 -21.53 -23.05 15.41
CA ILE A 181 -22.54 -22.00 15.46
C ILE A 181 -23.99 -22.47 15.38
N TRP A 182 -24.24 -23.56 14.70
CA TRP A 182 -25.60 -24.08 14.63
C TRP A 182 -25.54 -25.59 14.40
N GLU A 183 -26.68 -26.23 14.60
CA GLU A 183 -26.73 -27.67 14.47
C GLU A 183 -28.20 -28.06 14.30
N SER A 184 -28.48 -28.88 13.30
CA SER A 184 -29.84 -29.29 13.02
C SER A 184 -30.66 -29.86 14.20
N SER A 185 -30.00 -30.49 15.16
CA SER A 185 -30.72 -31.06 16.30
C SER A 185 -30.80 -30.13 17.51
N ALA A 186 -30.35 -28.89 17.34
CA ALA A 186 -30.37 -27.94 18.44
C ALA A 186 -31.74 -27.36 18.69
N VAL A 187 -32.11 -27.28 19.97
CA VAL A 187 -33.39 -26.71 20.39
C VAL A 187 -33.21 -25.20 20.38
N VAL A 188 -32.04 -24.77 20.81
CA VAL A 188 -31.72 -23.35 20.83
C VAL A 188 -30.23 -23.18 20.67
N ALA A 189 -29.85 -22.25 19.79
CA ALA A 189 -28.45 -21.93 19.51
C ALA A 189 -28.33 -20.42 19.69
N SER A 190 -27.24 -19.97 20.29
CA SER A 190 -27.11 -18.54 20.48
C SER A 190 -25.68 -18.13 20.72
N PHE A 191 -25.38 -16.88 20.43
CA PHE A 191 -24.05 -16.37 20.68
C PHE A 191 -24.16 -14.91 21.03
N GLU A 192 -23.11 -14.40 21.65
CA GLU A 192 -23.07 -13.03 22.08
C GLU A 192 -21.62 -12.59 21.91
N ALA A 193 -21.41 -11.35 21.47
CA ALA A 193 -20.05 -10.87 21.32
C ALA A 193 -20.01 -9.44 21.82
N THR A 194 -18.91 -9.10 22.48
CA THR A 194 -18.71 -7.75 22.98
C THR A 194 -17.25 -7.38 22.78
N PHE A 195 -17.01 -6.13 22.36
CA PHE A 195 -15.66 -5.62 22.23
C PHE A 195 -15.65 -4.11 22.43
N THR A 196 -14.56 -3.60 22.98
CA THR A 196 -14.43 -2.17 23.18
C THR A 196 -13.36 -1.73 22.21
N PHE A 197 -13.57 -0.56 21.61
CA PHE A 197 -12.64 -0.09 20.60
C PHE A 197 -12.31 1.38 20.77
N LEU A 198 -11.24 1.79 20.11
CA LEU A 198 -10.83 3.16 20.14
C LEU A 198 -10.43 3.56 18.72
N ILE A 199 -11.30 4.34 18.07
CA ILE A 199 -11.04 4.82 16.73
C ILE A 199 -10.62 6.30 16.83
N LYS A 200 -9.40 6.60 16.41
CA LYS A 200 -8.90 7.97 16.48
C LYS A 200 -8.33 8.38 15.12
N SER A 201 -8.68 9.58 14.67
CA SER A 201 -8.20 10.06 13.38
C SER A 201 -7.67 11.47 13.56
N PRO A 202 -6.51 11.77 12.97
CA PRO A 202 -5.89 13.09 13.04
C PRO A 202 -6.72 14.22 12.46
N ASP A 203 -7.51 13.91 11.43
CA ASP A 203 -8.35 14.92 10.78
C ASP A 203 -9.85 14.71 11.11
N SER A 204 -10.71 15.25 10.24
CA SER A 204 -12.15 15.14 10.41
C SER A 204 -12.79 14.17 9.42
N HIS A 205 -11.94 13.34 8.81
CA HIS A 205 -12.43 12.34 7.84
C HIS A 205 -11.83 10.96 8.14
N PRO A 206 -12.40 10.25 9.11
CA PRO A 206 -11.94 8.91 9.48
C PRO A 206 -12.42 7.89 8.45
N ALA A 207 -11.66 6.81 8.30
CA ALA A 207 -12.01 5.71 7.40
C ALA A 207 -11.12 4.53 7.83
N ASP A 208 -11.56 3.29 7.62
CA ASP A 208 -12.84 2.96 6.99
C ASP A 208 -13.84 2.29 7.95
N GLY A 209 -13.34 1.72 9.04
CA GLY A 209 -14.22 1.07 9.99
C GLY A 209 -13.75 -0.25 10.56
N ILE A 210 -14.52 -0.77 11.52
CA ILE A 210 -14.24 -2.03 12.16
C ILE A 210 -15.44 -2.95 11.96
N ALA A 211 -15.21 -4.25 12.02
CA ALA A 211 -16.32 -5.19 11.85
C ALA A 211 -16.11 -6.47 12.63
N PHE A 212 -17.21 -6.98 13.17
CA PHE A 212 -17.18 -8.26 13.84
C PHE A 212 -17.77 -9.20 12.77
N PHE A 213 -17.13 -10.34 12.51
CA PHE A 213 -17.66 -11.22 11.47
C PHE A 213 -17.57 -12.72 11.79
N ILE A 214 -18.38 -13.47 11.08
CA ILE A 214 -18.44 -14.92 11.21
C ILE A 214 -18.20 -15.41 9.79
N SER A 215 -17.27 -16.35 9.62
CA SER A 215 -16.98 -16.82 8.29
C SER A 215 -16.69 -18.30 8.28
N ASN A 216 -16.43 -18.82 7.09
CA ASN A 216 -16.08 -20.20 6.94
C ASN A 216 -14.70 -20.28 7.58
N ILE A 217 -14.40 -21.44 8.15
CA ILE A 217 -13.17 -21.70 8.85
C ILE A 217 -11.86 -21.27 8.21
N ASP A 218 -11.72 -21.52 6.92
CA ASP A 218 -10.48 -21.19 6.21
C ASP A 218 -10.45 -19.82 5.57
N SER A 219 -11.30 -18.92 6.02
CA SER A 219 -11.35 -17.58 5.45
C SER A 219 -10.06 -16.80 5.59
N SER A 220 -9.78 -15.99 4.58
CA SER A 220 -8.60 -15.13 4.59
C SER A 220 -8.95 -13.80 3.93
N ILE A 221 -8.11 -12.80 4.12
CA ILE A 221 -8.36 -11.48 3.55
C ILE A 221 -8.51 -11.48 2.03
N PRO A 222 -9.68 -11.08 1.53
CA PRO A 222 -9.87 -11.05 0.08
C PRO A 222 -8.84 -10.10 -0.54
N SER A 223 -8.48 -10.37 -1.77
CA SER A 223 -7.50 -9.53 -2.44
C SER A 223 -8.08 -8.14 -2.70
N GLY A 224 -7.27 -7.10 -2.47
CA GLY A 224 -7.73 -5.73 -2.67
C GLY A 224 -8.99 -5.38 -1.91
N SER A 225 -9.03 -5.68 -0.62
CA SER A 225 -10.21 -5.40 0.17
C SER A 225 -9.90 -4.38 1.24
N THR A 226 -9.02 -3.45 0.91
CA THR A 226 -8.69 -2.38 1.84
C THR A 226 -9.77 -1.33 1.62
N GLY A 227 -9.77 -0.28 2.43
CA GLY A 227 -10.78 0.75 2.27
C GLY A 227 -12.21 0.28 2.46
N ARG A 228 -13.11 0.77 1.60
CA ARG A 228 -14.53 0.46 1.65
C ARG A 228 -14.95 -1.00 1.89
N LEU A 229 -14.12 -1.96 1.49
CA LEU A 229 -14.50 -3.37 1.65
C LEU A 229 -14.22 -3.99 3.03
N LEU A 230 -13.67 -3.18 3.94
CA LEU A 230 -13.44 -3.61 5.31
C LEU A 230 -12.65 -4.89 5.54
N GLY A 231 -11.89 -5.32 4.53
CA GLY A 231 -11.11 -6.52 4.64
C GLY A 231 -12.01 -7.75 4.71
N LEU A 232 -13.24 -7.62 4.22
CA LEU A 232 -14.19 -8.71 4.27
C LEU A 232 -14.69 -9.26 2.93
N PHE A 233 -14.88 -8.37 1.96
CA PHE A 233 -15.43 -8.75 0.67
C PHE A 233 -14.47 -8.51 -0.50
N PRO A 234 -14.54 -9.38 -1.51
CA PRO A 234 -13.71 -9.29 -2.71
C PRO A 234 -14.14 -8.11 -3.58
N ASP A 235 -15.43 -7.79 -3.56
CA ASP A 235 -15.94 -6.67 -4.35
C ASP A 235 -17.15 -6.01 -3.70
N ALA A 236 -17.75 -5.04 -4.40
CA ALA A 236 -18.90 -4.32 -3.86
C ALA A 236 -20.25 -4.81 -4.36
N ASN A 237 -20.32 -6.06 -4.79
CA ASN A 237 -21.58 -6.61 -5.28
C ASN A 237 -22.53 -6.88 -4.11
N ALA B 1 17.68 26.85 -13.82
CA ALA B 1 17.06 25.78 -14.64
C ALA B 1 18.08 24.72 -15.05
N ASP B 2 17.93 23.52 -14.49
CA ASP B 2 18.82 22.43 -14.82
C ASP B 2 18.42 21.89 -16.18
N THR B 3 19.32 21.14 -16.82
CA THR B 3 19.00 20.52 -18.09
C THR B 3 18.86 19.07 -17.66
N ILE B 4 17.78 18.43 -18.09
CA ILE B 4 17.52 17.06 -17.68
C ILE B 4 17.16 16.17 -18.84
N VAL B 5 17.78 15.01 -18.89
CA VAL B 5 17.44 14.01 -19.89
C VAL B 5 17.14 12.85 -18.97
N ALA B 6 16.03 12.16 -19.18
CA ALA B 6 15.71 11.06 -18.28
C ALA B 6 14.84 9.98 -18.86
N VAL B 7 14.96 8.79 -18.29
CA VAL B 7 14.14 7.67 -18.67
C VAL B 7 13.33 7.46 -17.41
N GLU B 8 12.01 7.61 -17.51
CA GLU B 8 11.13 7.46 -16.36
C GLU B 8 10.33 6.15 -16.35
N LEU B 9 10.23 5.56 -15.16
CA LEU B 9 9.42 4.37 -14.93
C LEU B 9 8.26 5.00 -14.17
N ASP B 10 7.25 5.45 -14.92
CA ASP B 10 6.09 6.15 -14.36
C ASP B 10 4.96 5.20 -13.95
N THR B 11 4.71 5.09 -12.65
CA THR B 11 3.70 4.17 -12.18
C THR B 11 2.29 4.71 -12.08
N TYR B 12 2.16 6.04 -12.01
CA TYR B 12 0.86 6.66 -11.86
C TYR B 12 0.51 7.60 -13.02
N PRO B 13 -0.59 7.31 -13.74
CA PRO B 13 -1.04 8.11 -14.89
C PRO B 13 -1.54 9.49 -14.52
N ASN B 14 -0.79 10.53 -14.85
CA ASN B 14 -1.27 11.88 -14.60
C ASN B 14 -1.71 12.38 -15.97
N THR B 15 -2.91 11.99 -16.39
CA THR B 15 -3.47 12.37 -17.69
C THR B 15 -3.58 13.88 -17.94
N ASP B 16 -3.76 14.67 -16.90
CA ASP B 16 -3.88 16.09 -17.16
C ASP B 16 -2.56 16.76 -17.58
N ILE B 17 -1.46 16.00 -17.64
CA ILE B 17 -0.21 16.59 -18.09
C ILE B 17 0.46 15.75 -19.16
N GLY B 18 -0.32 14.93 -19.85
CA GLY B 18 0.25 14.14 -20.93
C GLY B 18 0.38 12.64 -20.75
N ASP B 19 0.47 12.14 -19.51
CA ASP B 19 0.65 10.71 -19.34
C ASP B 19 -0.39 9.86 -20.03
N PRO B 20 0.01 8.69 -20.57
CA PRO B 20 -0.95 7.81 -21.22
C PRO B 20 -1.79 7.39 -20.00
N SER B 21 -2.92 6.72 -20.20
CA SER B 21 -3.74 6.34 -19.04
C SER B 21 -3.38 4.99 -18.43
N TYR B 22 -2.08 4.76 -18.22
CA TYR B 22 -1.61 3.50 -17.63
C TYR B 22 -0.12 3.61 -17.30
N PRO B 23 0.40 2.67 -16.48
CA PRO B 23 1.83 2.72 -16.13
C PRO B 23 2.64 2.71 -17.42
N HIS B 24 3.72 3.46 -17.46
CA HIS B 24 4.51 3.52 -18.69
C HIS B 24 5.96 3.91 -18.43
N ILE B 25 6.83 3.59 -19.40
CA ILE B 25 8.22 3.99 -19.33
C ILE B 25 8.33 5.04 -20.41
N GLY B 26 9.07 6.11 -20.15
CA GLY B 26 9.19 7.14 -21.17
C GLY B 26 10.52 7.87 -21.18
N ILE B 27 10.78 8.54 -22.30
CA ILE B 27 12.01 9.30 -22.45
C ILE B 27 11.70 10.77 -22.32
N ASP B 28 12.29 11.42 -21.32
CA ASP B 28 12.03 12.83 -21.10
C ASP B 28 13.22 13.71 -21.46
N ILE B 29 13.02 14.63 -22.40
CA ILE B 29 14.08 15.55 -22.79
C ILE B 29 13.66 16.93 -22.32
N LYS B 30 14.26 17.39 -21.22
CA LYS B 30 13.96 18.71 -20.64
C LYS B 30 12.51 18.94 -20.24
N SER B 31 11.67 17.91 -20.28
CA SER B 31 10.27 18.05 -19.90
C SER B 31 9.67 16.77 -19.35
N VAL B 32 8.74 16.91 -18.40
CA VAL B 32 8.08 15.76 -17.80
C VAL B 32 7.12 15.13 -18.82
N ARG B 33 6.89 15.83 -19.93
CA ARG B 33 6.00 15.32 -20.97
C ARG B 33 6.83 14.49 -21.93
N SER B 34 6.94 13.20 -21.63
CA SER B 34 7.73 12.27 -22.43
C SER B 34 7.61 12.47 -23.93
N LYS B 35 8.75 12.47 -24.62
CA LYS B 35 8.78 12.62 -26.08
C LYS B 35 8.27 11.33 -26.69
N LYS B 36 8.41 10.24 -25.94
CA LYS B 36 7.99 8.92 -26.39
C LYS B 36 7.69 8.09 -25.14
N THR B 37 6.72 7.19 -25.24
CA THR B 37 6.36 6.37 -24.09
C THR B 37 5.97 4.99 -24.58
N ALA B 38 5.89 4.03 -23.66
CA ALA B 38 5.51 2.68 -24.01
C ALA B 38 4.78 2.09 -22.80
N LYS B 39 3.77 1.26 -23.06
CA LYS B 39 3.01 0.65 -21.98
C LYS B 39 3.89 -0.25 -21.16
N TRP B 40 3.74 -0.18 -19.83
CA TRP B 40 4.56 -0.97 -18.92
C TRP B 40 3.71 -1.72 -17.88
N ASN B 41 3.77 -3.05 -17.90
CA ASN B 41 3.00 -3.80 -16.93
C ASN B 41 3.77 -3.90 -15.64
N MET B 42 3.72 -2.83 -14.87
CA MET B 42 4.42 -2.77 -13.60
C MET B 42 3.87 -3.89 -12.70
N GLN B 43 4.76 -4.69 -12.10
CA GLN B 43 4.35 -5.77 -11.21
C GLN B 43 4.68 -5.44 -9.76
N ASN B 44 3.63 -5.10 -9.03
CA ASN B 44 3.74 -4.72 -7.63
C ASN B 44 4.39 -5.78 -6.75
N GLY B 45 5.49 -5.40 -6.09
CA GLY B 45 6.17 -6.32 -5.19
C GLY B 45 7.30 -7.14 -5.77
N LYS B 46 7.52 -7.05 -7.08
CA LYS B 46 8.59 -7.81 -7.71
C LYS B 46 9.82 -6.98 -8.11
N VAL B 47 10.97 -7.63 -8.13
CA VAL B 47 12.22 -6.99 -8.49
C VAL B 47 12.33 -6.90 -10.00
N GLY B 48 12.53 -5.69 -10.52
CA GLY B 48 12.66 -5.51 -11.95
C GLY B 48 14.04 -5.00 -12.35
N THR B 49 14.32 -5.01 -13.64
CA THR B 49 15.60 -4.55 -14.17
C THR B 49 15.41 -3.56 -15.31
N ALA B 50 16.21 -2.50 -15.31
CA ALA B 50 16.15 -1.50 -16.35
C ALA B 50 17.53 -1.35 -17.00
N HIS B 51 17.54 -1.25 -18.33
CA HIS B 51 18.77 -1.09 -19.08
C HIS B 51 18.60 0.13 -19.96
N ILE B 52 19.51 1.10 -19.81
CA ILE B 52 19.47 2.28 -20.66
C ILE B 52 20.73 2.27 -21.53
N ILE B 53 20.59 2.41 -22.84
CA ILE B 53 21.76 2.45 -23.70
C ILE B 53 21.72 3.62 -24.66
N TYR B 54 22.91 4.07 -25.07
CA TYR B 54 23.05 5.19 -25.99
C TYR B 54 24.44 5.24 -26.60
N ASN B 55 24.52 5.52 -27.90
CA ASN B 55 25.82 5.68 -28.55
C ASN B 55 25.70 6.83 -29.54
N SER B 56 26.77 7.59 -29.70
CA SER B 56 26.76 8.75 -30.58
C SER B 56 26.66 8.43 -32.07
N VAL B 57 26.92 7.18 -32.45
CA VAL B 57 26.83 6.82 -33.85
C VAL B 57 25.36 6.77 -34.27
N ASP B 58 24.53 6.06 -33.52
CA ASP B 58 23.11 5.96 -33.80
C ASP B 58 22.31 7.17 -33.31
N LYS B 59 22.80 7.82 -32.26
CA LYS B 59 22.11 8.97 -31.65
C LYS B 59 20.70 8.48 -31.28
N ARG B 60 20.67 7.30 -30.68
CA ARG B 60 19.43 6.66 -30.27
C ARG B 60 19.45 6.37 -28.76
N LEU B 61 18.48 6.87 -28.01
CA LEU B 61 18.42 6.61 -26.57
C LEU B 61 17.36 5.54 -26.36
N SER B 62 17.76 4.36 -25.88
CA SER B 62 16.83 3.27 -25.68
C SER B 62 16.82 2.75 -24.27
N ALA B 63 15.67 2.23 -23.86
CA ALA B 63 15.51 1.70 -22.52
C ALA B 63 14.68 0.43 -22.56
N VAL B 64 15.06 -0.53 -21.73
CA VAL B 64 14.35 -1.80 -21.64
C VAL B 64 14.12 -2.06 -20.17
N VAL B 65 12.89 -2.42 -19.82
CA VAL B 65 12.56 -2.71 -18.42
C VAL B 65 11.90 -4.05 -18.40
N SER B 66 12.36 -4.96 -17.56
CA SER B 66 11.75 -6.26 -17.52
C SER B 66 11.69 -6.88 -16.12
N TYR B 67 10.92 -7.95 -16.04
CA TYR B 67 10.72 -8.72 -14.82
C TYR B 67 10.96 -10.15 -15.23
N PRO B 68 11.42 -10.99 -14.29
CA PRO B 68 11.67 -12.40 -14.63
C PRO B 68 10.42 -13.09 -15.20
N ASN B 69 10.63 -13.96 -16.18
CA ASN B 69 9.50 -14.69 -16.76
C ASN B 69 8.35 -13.80 -17.23
N ALA B 70 8.65 -12.60 -17.70
CA ALA B 70 7.59 -11.71 -18.16
C ALA B 70 8.09 -10.99 -19.39
N ASP B 71 7.19 -10.34 -20.11
CA ASP B 71 7.62 -9.61 -21.30
C ASP B 71 8.27 -8.35 -20.79
N SER B 72 9.01 -7.68 -21.67
CA SER B 72 9.68 -6.47 -21.32
C SER B 72 9.05 -5.30 -22.06
N ALA B 73 9.30 -4.09 -21.58
CA ALA B 73 8.79 -2.89 -22.22
C ALA B 73 10.00 -2.17 -22.80
N THR B 74 9.86 -1.68 -24.02
CA THR B 74 10.94 -0.99 -24.69
C THR B 74 10.48 0.36 -25.17
N VAL B 75 11.39 1.32 -25.17
CA VAL B 75 11.10 2.65 -25.66
C VAL B 75 12.44 3.15 -26.20
N SER B 76 12.39 3.80 -27.35
CA SER B 76 13.62 4.28 -27.98
C SER B 76 13.34 5.61 -28.65
N TYR B 77 14.30 6.53 -28.62
CA TYR B 77 14.10 7.85 -29.21
C TYR B 77 15.38 8.41 -29.83
N ASP B 78 15.25 9.01 -31.01
CA ASP B 78 16.38 9.60 -31.70
C ASP B 78 16.67 10.99 -31.15
N VAL B 79 17.85 11.15 -30.58
CA VAL B 79 18.24 12.43 -30.03
C VAL B 79 19.75 12.53 -30.04
N ASP B 80 20.24 13.73 -30.32
CA ASP B 80 21.67 13.98 -30.35
C ASP B 80 21.97 14.70 -29.05
N LEU B 81 22.38 13.97 -28.03
CA LEU B 81 22.66 14.56 -26.72
C LEU B 81 23.67 15.72 -26.72
N ASP B 82 24.42 15.90 -27.82
CA ASP B 82 25.38 17.00 -27.93
C ASP B 82 24.66 18.33 -27.95
N ASN B 83 23.47 18.35 -28.56
CA ASN B 83 22.69 19.56 -28.65
C ASN B 83 21.82 19.79 -27.42
N VAL B 84 21.77 18.81 -26.52
CA VAL B 84 20.94 18.95 -25.34
C VAL B 84 21.68 19.14 -24.03
N LEU B 85 22.65 18.29 -23.76
CA LEU B 85 23.38 18.35 -22.50
C LEU B 85 24.73 19.01 -22.58
N PRO B 86 25.20 19.57 -21.46
CA PRO B 86 26.51 20.21 -21.46
C PRO B 86 27.53 19.05 -21.58
N GLU B 87 28.78 19.36 -21.85
CA GLU B 87 29.81 18.34 -22.02
C GLU B 87 29.98 17.48 -20.75
N TRP B 88 29.95 18.13 -19.59
CA TRP B 88 30.08 17.43 -18.33
C TRP B 88 28.76 17.39 -17.59
N VAL B 89 28.48 16.26 -16.95
CA VAL B 89 27.22 16.09 -16.24
C VAL B 89 27.37 15.17 -15.04
N ARG B 90 26.25 14.97 -14.34
CA ARG B 90 26.21 14.00 -13.25
C ARG B 90 25.06 13.08 -13.63
N VAL B 91 25.17 11.82 -13.23
CA VAL B 91 24.13 10.85 -13.54
C VAL B 91 23.53 10.40 -12.23
N GLY B 92 22.27 10.00 -12.25
CA GLY B 92 21.65 9.55 -11.03
C GLY B 92 20.30 8.90 -11.18
N LEU B 93 19.71 8.63 -10.03
CA LEU B 93 18.40 8.00 -9.91
C LEU B 93 17.53 8.91 -9.08
N SER B 94 16.28 9.05 -9.50
CA SER B 94 15.34 9.90 -8.80
C SER B 94 14.01 9.16 -8.66
N ALA B 95 13.24 9.54 -7.64
CA ALA B 95 11.94 8.91 -7.39
C ALA B 95 11.11 9.81 -6.48
N SER B 96 9.80 9.60 -6.47
CA SER B 96 8.91 10.40 -5.63
C SER B 96 7.58 9.76 -5.37
N THR B 97 6.86 10.34 -4.42
CA THR B 97 5.50 9.90 -4.09
C THR B 97 4.70 11.19 -3.90
N GLY B 98 3.40 11.10 -4.10
CA GLY B 98 2.52 12.25 -3.93
C GLY B 98 1.46 11.88 -2.92
N LEU B 99 0.19 11.92 -3.33
CA LEU B 99 -0.91 11.56 -2.45
C LEU B 99 -0.83 10.04 -2.31
N TYR B 100 -0.50 9.39 -3.41
CA TYR B 100 -0.34 7.96 -3.42
C TYR B 100 1.14 7.64 -3.25
N LYS B 101 1.44 6.40 -2.86
CA LYS B 101 2.81 6.01 -2.59
C LYS B 101 3.23 4.61 -2.96
N GLU B 102 4.54 4.38 -2.87
CA GLU B 102 5.17 3.10 -3.18
C GLU B 102 6.58 3.19 -2.63
N THR B 103 7.23 2.05 -2.41
CA THR B 103 8.62 2.10 -1.96
C THR B 103 9.35 2.22 -3.30
N ASN B 104 10.47 2.94 -3.31
CA ASN B 104 11.26 3.06 -4.53
C ASN B 104 12.66 2.57 -4.17
N THR B 105 12.76 1.25 -4.10
CA THR B 105 13.99 0.60 -3.70
C THR B 105 14.94 0.21 -4.84
N ILE B 106 16.20 0.65 -4.71
CA ILE B 106 17.23 0.31 -5.68
C ILE B 106 18.09 -0.77 -5.04
N LEU B 107 18.21 -1.89 -5.73
CA LEU B 107 19.01 -3.00 -5.20
C LEU B 107 20.41 -3.00 -5.76
N SER B 108 20.59 -2.41 -6.93
CA SER B 108 21.91 -2.36 -7.55
C SER B 108 21.89 -1.33 -8.68
N TRP B 109 23.06 -0.80 -9.00
CA TRP B 109 23.18 0.19 -10.04
C TRP B 109 24.57 0.19 -10.65
N SER B 110 24.64 0.17 -11.98
CA SER B 110 25.92 0.21 -12.66
C SER B 110 25.85 1.14 -13.85
N PHE B 111 26.99 1.75 -14.16
CA PHE B 111 27.05 2.71 -15.25
C PHE B 111 28.38 2.61 -15.96
N THR B 112 28.37 2.76 -17.27
CA THR B 112 29.59 2.75 -18.04
C THR B 112 29.46 3.87 -19.04
N SER B 113 30.55 4.58 -19.25
CA SER B 113 30.60 5.70 -20.15
C SER B 113 31.94 5.70 -20.90
N LYS B 114 31.91 5.79 -22.22
CA LYS B 114 33.16 5.81 -22.97
C LYS B 114 33.26 6.89 -24.02
N LEU B 115 34.45 7.45 -24.14
CA LEU B 115 34.77 8.44 -25.16
C LEU B 115 35.98 7.93 -25.96
N LYS B 116 35.77 7.66 -27.25
CA LYS B 116 36.85 7.21 -28.12
C LYS B 116 37.13 8.38 -29.06
N SER B 117 38.38 8.85 -29.10
CA SER B 117 38.74 10.01 -29.94
C SER B 117 39.50 9.66 -31.23
N ASN B 118 39.86 10.71 -31.98
CA ASN B 118 40.58 10.55 -33.24
C ASN B 118 42.05 10.26 -32.95
N SER B 119 42.28 9.53 -31.86
CA SER B 119 43.62 9.17 -31.46
C SER B 119 43.71 7.66 -31.42
N THR B 120 44.49 7.10 -32.35
CA THR B 120 44.66 5.66 -32.43
C THR B 120 44.67 5.01 -31.04
N HIS B 121 43.57 4.34 -30.72
CA HIS B 121 43.37 3.61 -29.46
C HIS B 121 43.39 4.41 -28.14
N GLU B 122 43.00 5.69 -28.20
CA GLU B 122 42.97 6.52 -26.99
C GLU B 122 41.55 6.69 -26.47
N THR B 123 41.14 5.78 -25.60
CA THR B 123 39.80 5.78 -25.03
C THR B 123 39.73 6.22 -23.58
N ASN B 124 38.76 7.07 -23.28
CA ASN B 124 38.55 7.50 -21.90
C ASN B 124 37.31 6.72 -21.42
N ALA B 125 37.34 6.24 -20.18
CA ALA B 125 36.20 5.50 -19.69
C ALA B 125 35.97 5.60 -18.20
N LEU B 126 34.71 5.48 -17.83
CA LEU B 126 34.32 5.50 -16.42
C LEU B 126 33.31 4.36 -16.24
N HIS B 127 33.46 3.64 -15.15
CA HIS B 127 32.57 2.54 -14.85
C HIS B 127 32.42 2.37 -13.36
N PHE B 128 31.19 2.24 -12.90
CA PHE B 128 30.98 1.97 -11.49
C PHE B 128 29.85 0.96 -11.38
N MET B 129 29.93 0.12 -10.36
CA MET B 129 28.93 -0.91 -10.15
C MET B 129 28.65 -1.04 -8.66
N PHE B 130 27.40 -0.84 -8.27
CA PHE B 130 27.01 -0.99 -6.88
C PHE B 130 26.06 -2.19 -6.77
N ASN B 131 26.45 -3.21 -6.02
CA ASN B 131 25.55 -4.36 -5.80
C ASN B 131 25.10 -4.35 -4.34
N GLN B 132 25.74 -3.50 -3.55
CA GLN B 132 25.43 -3.35 -2.15
C GLN B 132 25.72 -1.88 -1.80
N PHE B 133 24.78 -1.25 -1.12
CA PHE B 133 24.96 0.13 -0.72
C PHE B 133 25.30 0.05 0.76
N SER B 134 26.07 1.00 1.26
CA SER B 134 26.43 0.98 2.67
C SER B 134 25.93 2.22 3.39
N LYS B 135 25.88 2.14 4.71
CA LYS B 135 25.38 3.23 5.56
C LYS B 135 26.02 4.56 5.19
N ASP B 136 27.30 4.56 4.92
CA ASP B 136 27.98 5.80 4.55
C ASP B 136 28.57 5.55 3.16
N GLN B 137 27.78 5.87 2.13
CA GLN B 137 28.18 5.67 0.73
C GLN B 137 28.76 6.99 0.26
N LYS B 138 30.03 7.23 0.59
CA LYS B 138 30.69 8.49 0.24
C LYS B 138 30.88 8.84 -1.22
N ASP B 139 30.62 7.92 -2.14
CA ASP B 139 30.77 8.25 -3.56
C ASP B 139 29.41 8.50 -4.22
N LEU B 140 28.41 8.77 -3.38
CA LEU B 140 27.05 9.09 -3.83
C LEU B 140 26.61 10.36 -3.15
N ILE B 141 25.94 11.22 -3.90
CA ILE B 141 25.43 12.45 -3.34
C ILE B 141 23.96 12.17 -3.12
N LEU B 142 23.53 12.12 -1.86
CA LEU B 142 22.12 11.86 -1.55
C LEU B 142 21.38 13.18 -1.39
N GLN B 143 20.24 13.32 -2.05
CA GLN B 143 19.45 14.54 -1.97
C GLN B 143 18.02 14.16 -1.55
N GLY B 144 17.32 15.10 -0.92
CA GLY B 144 15.96 14.83 -0.50
C GLY B 144 15.86 13.74 0.56
N ASP B 145 14.88 12.86 0.44
CA ASP B 145 14.70 11.80 1.43
C ASP B 145 15.52 10.54 1.22
N ALA B 146 16.36 10.50 0.18
CA ALA B 146 17.16 9.31 -0.12
C ALA B 146 18.08 8.87 1.01
N THR B 147 18.15 7.56 1.23
CA THR B 147 19.00 6.98 2.27
C THR B 147 19.54 5.62 1.83
N THR B 148 20.63 5.19 2.44
CA THR B 148 21.22 3.89 2.12
C THR B 148 21.43 3.12 3.41
N GLY B 149 21.92 1.90 3.30
CA GLY B 149 22.17 1.09 4.49
C GLY B 149 21.07 0.15 4.93
N THR B 150 19.82 0.51 4.66
CA THR B 150 18.67 -0.33 5.04
C THR B 150 18.67 -1.64 4.22
N ASP B 151 19.26 -2.68 4.80
CA ASP B 151 19.33 -3.98 4.13
C ASP B 151 20.30 -3.92 2.95
N GLY B 152 21.17 -2.92 2.95
CA GLY B 152 22.12 -2.78 1.86
C GLY B 152 21.53 -2.19 0.58
N ASN B 153 20.30 -1.67 0.69
CA ASN B 153 19.63 -1.07 -0.45
C ASN B 153 19.64 0.44 -0.43
N LEU B 154 19.26 1.04 -1.54
CA LEU B 154 19.17 2.48 -1.62
C LEU B 154 17.68 2.80 -1.65
N GLU B 155 17.20 3.54 -0.65
CA GLU B 155 15.79 3.91 -0.59
C GLU B 155 15.69 5.34 -1.08
N LEU B 156 15.15 5.52 -2.28
CA LEU B 156 15.04 6.85 -2.84
C LEU B 156 14.01 7.74 -2.13
N THR B 157 12.99 7.12 -1.56
CA THR B 157 11.96 7.87 -0.86
C THR B 157 11.72 7.30 0.53
N ARG B 158 11.07 8.10 1.37
CA ARG B 158 10.81 7.75 2.75
C ARG B 158 9.97 6.50 2.97
N VAL B 159 10.44 5.67 3.89
CA VAL B 159 9.78 4.43 4.28
C VAL B 159 9.78 4.41 5.80
N SER B 160 8.66 4.06 6.41
CA SER B 160 8.63 4.03 7.87
C SER B 160 9.25 2.75 8.41
N SER B 161 9.54 2.76 9.71
CA SER B 161 10.13 1.63 10.40
C SER B 161 9.52 0.28 10.00
N ASN B 162 8.19 0.23 9.93
CA ASN B 162 7.53 -1.02 9.57
C ASN B 162 7.52 -1.31 8.07
N GLY B 163 8.34 -0.58 7.33
CA GLY B 163 8.44 -0.80 5.90
C GLY B 163 7.36 -0.26 4.97
N SER B 164 6.46 0.57 5.48
CA SER B 164 5.43 1.12 4.61
C SER B 164 5.87 2.47 4.04
N PRO B 165 5.61 2.69 2.74
CA PRO B 165 5.95 3.92 2.02
C PRO B 165 5.19 5.15 2.50
N GLN B 166 5.70 6.33 2.19
CA GLN B 166 5.05 7.55 2.61
C GLN B 166 4.82 8.50 1.44
N GLY B 167 3.84 9.38 1.58
CA GLY B 167 3.53 10.32 0.52
C GLY B 167 4.35 11.59 0.59
N SER B 168 4.25 12.40 -0.46
CA SER B 168 4.96 13.66 -0.53
C SER B 168 6.44 13.49 -0.19
N SER B 169 7.04 12.48 -0.80
CA SER B 169 8.46 12.19 -0.59
C SER B 169 9.19 12.30 -1.92
N VAL B 170 10.41 12.82 -1.88
CA VAL B 170 11.22 12.96 -3.07
C VAL B 170 12.67 12.77 -2.67
N GLY B 171 13.39 11.98 -3.47
CA GLY B 171 14.79 11.71 -3.17
C GLY B 171 15.57 11.37 -4.43
N ARG B 172 16.86 11.68 -4.40
CA ARG B 172 17.75 11.41 -5.52
C ARG B 172 19.11 10.95 -5.03
N ALA B 173 19.81 10.22 -5.89
CA ALA B 173 21.14 9.75 -5.58
C ALA B 173 21.98 10.01 -6.82
N LEU B 174 23.01 10.83 -6.71
CA LEU B 174 23.87 11.09 -7.87
C LEU B 174 25.28 10.57 -7.62
N PHE B 175 25.91 10.00 -8.65
CA PHE B 175 27.28 9.50 -8.49
C PHE B 175 28.16 10.73 -8.25
N TYR B 176 29.05 10.62 -7.28
CA TYR B 176 29.90 11.72 -6.88
C TYR B 176 30.70 12.45 -7.96
N ALA B 177 31.28 11.71 -8.90
CA ALA B 177 32.11 12.31 -9.94
C ALA B 177 31.43 12.74 -11.22
N PRO B 178 31.81 13.91 -11.75
CA PRO B 178 31.23 14.41 -12.99
C PRO B 178 31.60 13.42 -14.10
N VAL B 179 30.71 13.26 -15.07
CA VAL B 179 30.93 12.36 -16.19
C VAL B 179 31.10 13.17 -17.47
N HIS B 180 32.12 12.83 -18.27
CA HIS B 180 32.36 13.51 -19.54
C HIS B 180 31.53 12.72 -20.54
N ILE B 181 30.29 13.17 -20.75
CA ILE B 181 29.31 12.48 -21.58
C ILE B 181 29.50 12.62 -23.09
N TRP B 182 30.06 13.75 -23.52
CA TRP B 182 30.33 13.92 -24.95
C TRP B 182 31.50 14.88 -25.11
N GLU B 183 32.03 14.94 -26.32
CA GLU B 183 33.18 15.76 -26.59
C GLU B 183 33.27 15.94 -28.09
N SER B 184 33.39 17.19 -28.54
CA SER B 184 33.44 17.48 -29.97
C SER B 184 34.44 16.66 -30.80
N SER B 185 35.57 16.28 -30.22
CA SER B 185 36.57 15.51 -30.97
C SER B 185 36.37 13.99 -30.89
N ALA B 186 35.29 13.55 -30.25
CA ALA B 186 35.04 12.13 -30.09
C ALA B 186 34.51 11.45 -31.35
N VAL B 187 35.08 10.30 -31.68
CA VAL B 187 34.65 9.52 -32.84
C VAL B 187 33.37 8.77 -32.45
N VAL B 188 33.36 8.28 -31.22
CA VAL B 188 32.19 7.57 -30.70
C VAL B 188 32.13 7.79 -29.19
N ALA B 189 30.93 8.09 -28.71
CA ALA B 189 30.69 8.32 -27.29
C ALA B 189 29.51 7.42 -26.94
N SER B 190 29.55 6.78 -25.79
CA SER B 190 28.44 5.94 -25.44
C SER B 190 28.38 5.72 -23.95
N PHE B 191 27.21 5.34 -23.45
CA PHE B 191 27.06 5.05 -22.04
C PHE B 191 25.98 3.98 -21.92
N GLU B 192 26.00 3.27 -20.80
CA GLU B 192 25.05 2.20 -20.56
C GLU B 192 24.74 2.26 -19.08
N ALA B 193 23.48 2.09 -18.71
CA ALA B 193 23.12 2.10 -17.29
C ALA B 193 22.19 0.93 -16.98
N THR B 194 22.38 0.34 -15.82
CA THR B 194 21.53 -0.76 -15.40
C THR B 194 21.26 -0.68 -13.92
N PHE B 195 20.01 -0.93 -13.53
CA PHE B 195 19.67 -0.94 -12.11
C PHE B 195 18.49 -1.85 -11.89
N THR B 196 18.45 -2.45 -10.70
CA THR B 196 17.34 -3.31 -10.35
C THR B 196 16.57 -2.58 -9.27
N PHE B 197 15.24 -2.66 -9.34
CA PHE B 197 14.41 -1.95 -8.39
C PHE B 197 13.29 -2.81 -7.85
N LEU B 198 12.73 -2.34 -6.75
CA LEU B 198 11.63 -3.02 -6.11
C LEU B 198 10.62 -1.96 -5.73
N ILE B 199 9.51 -1.94 -6.47
CA ILE B 199 8.44 -0.98 -6.20
C ILE B 199 7.29 -1.75 -5.60
N LYS B 200 6.96 -1.45 -4.36
CA LYS B 200 5.88 -2.13 -3.65
C LYS B 200 4.89 -1.09 -3.10
N SER B 201 3.61 -1.35 -3.29
CA SER B 201 2.58 -0.44 -2.80
C SER B 201 1.53 -1.25 -2.04
N PRO B 202 1.05 -0.74 -0.88
CA PRO B 202 0.05 -1.45 -0.08
C PRO B 202 -1.29 -1.59 -0.78
N ASP B 203 -1.62 -0.65 -1.65
CA ASP B 203 -2.90 -0.71 -2.32
C ASP B 203 -2.74 -1.04 -3.81
N SER B 204 -3.73 -0.60 -4.60
CA SER B 204 -3.72 -0.85 -6.04
C SER B 204 -3.50 0.43 -6.85
N HIS B 205 -2.97 1.47 -6.20
CA HIS B 205 -2.69 2.73 -6.87
C HIS B 205 -1.31 3.25 -6.47
N PRO B 206 -0.26 2.69 -7.08
CA PRO B 206 1.12 3.08 -6.81
C PRO B 206 1.43 4.42 -7.44
N ALA B 207 2.34 5.18 -6.83
CA ALA B 207 2.76 6.47 -7.35
C ALA B 207 4.08 6.76 -6.65
N ASP B 208 5.00 7.49 -7.30
CA ASP B 208 4.81 8.06 -8.64
C ASP B 208 5.78 7.49 -9.67
N GLY B 209 6.88 6.90 -9.19
CA GLY B 209 7.82 6.31 -10.12
C GLY B 209 9.28 6.60 -9.85
N ILE B 210 10.12 5.94 -10.66
CA ILE B 210 11.56 6.08 -10.56
C ILE B 210 12.09 6.58 -11.89
N ALA B 211 13.22 7.25 -11.85
CA ALA B 211 13.81 7.75 -13.08
C ALA B 211 15.32 7.76 -13.03
N PHE B 212 15.92 7.43 -14.17
CA PHE B 212 17.37 7.49 -14.31
C PHE B 212 17.53 8.82 -15.03
N PHE B 213 18.48 9.64 -14.61
CA PHE B 213 18.65 10.92 -15.29
C PHE B 213 20.08 11.40 -15.40
N ILE B 214 20.27 12.32 -16.33
CA ILE B 214 21.55 12.95 -16.60
C ILE B 214 21.26 14.45 -16.50
N SER B 215 22.04 15.15 -15.70
CA SER B 215 21.82 16.58 -15.53
C SER B 215 23.12 17.37 -15.47
N ASN B 216 22.98 18.68 -15.33
CA ASN B 216 24.14 19.52 -15.19
C ASN B 216 24.70 19.14 -13.81
N ILE B 217 26.00 19.29 -13.67
CA ILE B 217 26.72 18.93 -12.47
C ILE B 217 26.18 19.40 -11.13
N ASP B 218 25.75 20.66 -11.05
CA ASP B 218 25.25 21.26 -9.80
C ASP B 218 23.73 21.13 -9.59
N SER B 219 23.10 20.22 -10.31
CA SER B 219 21.68 19.99 -10.21
C SER B 219 21.21 19.60 -8.80
N SER B 220 20.03 20.06 -8.43
CA SER B 220 19.45 19.74 -7.13
C SER B 220 17.95 19.61 -7.32
N ILE B 221 17.27 19.04 -6.33
CA ILE B 221 15.83 18.82 -6.42
C ILE B 221 15.05 20.12 -6.60
N PRO B 222 14.27 20.23 -7.69
CA PRO B 222 13.49 21.44 -7.94
C PRO B 222 12.48 21.58 -6.82
N SER B 223 12.16 22.80 -6.45
CA SER B 223 11.21 23.05 -5.39
C SER B 223 9.82 22.55 -5.80
N GLY B 224 9.12 21.92 -4.86
CA GLY B 224 7.79 21.39 -5.15
C GLY B 224 7.76 20.39 -6.31
N SER B 225 8.69 19.45 -6.34
CA SER B 225 8.71 18.47 -7.43
C SER B 225 8.39 17.06 -6.98
N THR B 226 7.58 16.95 -5.93
CA THR B 226 7.17 15.65 -5.45
C THR B 226 6.07 15.18 -6.40
N GLY B 227 5.54 13.99 -6.17
CA GLY B 227 4.48 13.52 -7.04
C GLY B 227 4.81 13.41 -8.52
N ARG B 228 3.87 13.84 -9.36
CA ARG B 228 4.00 13.78 -10.82
C ARG B 228 5.32 14.27 -11.42
N LEU B 229 6.03 15.18 -10.76
CA LEU B 229 7.26 15.71 -11.32
C LEU B 229 8.53 14.89 -11.06
N LEU B 230 8.36 13.72 -10.46
CA LEU B 230 9.46 12.78 -10.20
C LEU B 230 10.73 13.35 -9.60
N GLY B 231 10.65 14.49 -8.93
CA GLY B 231 11.82 15.11 -8.34
C GLY B 231 12.80 15.59 -9.40
N LEU B 232 12.31 15.75 -10.63
CA LEU B 232 13.18 16.18 -11.72
C LEU B 232 12.93 17.57 -12.28
N PHE B 233 11.66 17.92 -12.44
CA PHE B 233 11.27 19.18 -13.03
C PHE B 233 10.57 20.15 -12.10
N PRO B 234 10.79 21.46 -12.32
CA PRO B 234 10.19 22.53 -11.52
C PRO B 234 8.69 22.67 -11.83
N ASP B 235 8.27 22.32 -13.04
CA ASP B 235 6.86 22.39 -13.43
C ASP B 235 6.48 21.37 -14.50
N ALA B 236 5.23 21.44 -14.98
CA ALA B 236 4.75 20.49 -15.98
C ALA B 236 4.75 21.01 -17.41
N ASN B 237 5.58 22.00 -17.69
CA ASN B 237 5.67 22.55 -19.03
C ASN B 237 6.39 21.57 -19.98
#